data_3BNO
#
_entry.id   3BNO
#
_cell.length_a   35.140
_cell.length_b   45.460
_cell.length_c   52.130
_cell.angle_alpha   71.430
_cell.angle_beta   73.420
_cell.angle_gamma   74.050
#
_symmetry.space_group_name_H-M   'P 1'
#
loop_
_entity.id
_entity.type
_entity.pdbx_description
1 polymer 'A site of human mitochondrial ribosome'
2 water water
#
_entity_poly.entity_id   1
_entity_poly.type   'polyribonucleotide'
_entity_poly.pdbx_seq_one_letter_code
;GCGUCACC(5BU)CGAACAAGUCGC
;
_entity_poly.pdbx_strand_id   A,B,C,D
#
loop_
_chem_comp.id
_chem_comp.type
_chem_comp.name
_chem_comp.formula
5BU RNA linking 5-BROMO-URIDINE-5'-MONOPHOSPHATE 'C9 H12 Br N2 O9 P'
A RNA linking ADENOSINE-5'-MONOPHOSPHATE 'C10 H14 N5 O7 P'
C RNA linking CYTIDINE-5'-MONOPHOSPHATE 'C9 H14 N3 O8 P'
G RNA linking GUANOSINE-5'-MONOPHOSPHATE 'C10 H14 N5 O8 P'
U RNA linking URIDINE-5'-MONOPHOSPHATE 'C9 H13 N2 O9 P'
#
# COMPACT_ATOMS: atom_id res chain seq x y z
P 5BU A 9 -0.75 0.12 2.86
OP1 5BU A 9 0.47 0.96 2.70
OP2 5BU A 9 -1.25 -0.19 4.23
O5' 5BU A 9 -1.92 0.84 2.08
C5' 5BU A 9 -1.70 1.36 0.78
C4' 5BU A 9 -2.91 2.16 0.37
O4' 5BU A 9 -4.04 1.25 0.27
C3' 5BU A 9 -3.35 3.17 1.41
O3' 5BU A 9 -2.65 4.39 1.29
C2' 5BU A 9 -4.81 3.36 1.06
O2' 5BU A 9 -5.01 4.27 0.00
C1' 5BU A 9 -5.22 1.93 0.65
N1 5BU A 9 -5.85 1.19 1.75
C2 5BU A 9 -7.19 1.44 1.98
O2 5BU A 9 -7.85 2.24 1.33
N3 5BU A 9 -7.75 0.73 3.01
C4 5BU A 9 -7.12 -0.19 3.81
O4 5BU A 9 -7.76 -0.77 4.67
C5 5BU A 9 -5.74 -0.40 3.52
C6 5BU A 9 -5.16 0.29 2.52
BR 5BU A 9 -4.63 -1.23 4.86
P 5BU B 9 -8.18 -4.54 17.59
OP1 5BU B 9 -9.10 -5.67 17.84
OP2 5BU B 9 -7.52 -4.44 16.26
O5' 5BU B 9 -8.92 -3.16 17.89
C5' 5BU B 9 -9.55 -2.93 19.15
C4' 5BU B 9 -10.42 -1.69 19.08
O4' 5BU B 9 -9.62 -0.48 19.16
C3' 5BU B 9 -11.25 -1.53 17.82
O3' 5BU B 9 -12.44 -2.30 17.92
C2' 5BU B 9 -11.52 -0.04 17.79
O2' 5BU B 9 -12.63 0.37 18.55
C1' 5BU B 9 -10.23 0.54 18.37
N1 5BU B 9 -9.28 0.93 17.30
C2 5BU B 9 -9.39 2.20 16.76
O2 5BU B 9 -10.22 3.00 17.13
N3 5BU B 9 -8.49 2.49 15.77
C4 5BU B 9 -7.50 1.66 15.27
O4 5BU B 9 -6.78 2.06 14.36
C5 5BU B 9 -7.44 0.38 15.88
C6 5BU B 9 -8.30 0.05 16.85
BR 5BU B 9 -6.10 -0.89 15.30
P 5BU C 9 8.03 2.05 -18.17
OP1 5BU C 9 7.47 1.41 -19.39
OP2 5BU C 9 7.31 1.92 -16.86
O5' 5BU C 9 9.52 1.52 -17.97
C5' 5BU C 9 10.30 1.13 -19.09
C4' 5BU C 9 11.53 0.43 -18.63
O4' 5BU C 9 12.21 1.29 -17.67
C3' 5BU C 9 11.29 -0.82 -17.83
O3' 5BU C 9 11.00 -1.93 -18.68
C2' 5BU C 9 12.59 -0.97 -17.08
O2' 5BU C 9 13.62 -1.44 -17.94
C1' 5BU C 9 12.89 0.49 -16.72
N1 5BU C 9 12.42 0.84 -15.38
C2 5BU C 9 13.24 0.50 -14.31
O2 5BU C 9 14.30 -0.09 -14.45
N3 5BU C 9 12.77 0.87 -13.07
C4 5BU C 9 11.59 1.54 -12.80
O4 5BU C 9 11.35 1.89 -11.64
C5 5BU C 9 10.80 1.85 -13.94
C6 5BU C 9 11.23 1.50 -15.16
BR 5BU C 9 9.04 2.61 -13.70
P 5BU D 9 1.13 2.23 -2.88
OP1 5BU D 9 1.41 3.14 -1.75
OP2 5BU D 9 1.79 2.47 -4.19
O5' 5BU D 9 1.46 0.74 -2.44
C5' 5BU D 9 1.04 0.25 -1.18
C4' 5BU D 9 1.68 -1.08 -0.90
O4' 5BU D 9 1.24 -2.04 -1.90
C3' 5BU D 9 3.19 -1.11 -1.03
O3' 5BU D 9 3.79 -0.61 0.16
C2' 5BU D 9 3.45 -2.60 -1.24
O2' 5BU D 9 3.33 -3.35 -0.06
C1' 5BU D 9 2.28 -2.97 -2.16
N1 5BU D 9 2.62 -2.88 -3.59
C2 5BU D 9 3.37 -3.90 -4.14
O2 5BU D 9 3.78 -4.85 -3.49
N3 5BU D 9 3.62 -3.78 -5.48
C4 5BU D 9 3.22 -2.75 -6.31
O4 5BU D 9 3.63 -2.71 -7.46
C5 5BU D 9 2.45 -1.73 -5.66
C6 5BU D 9 2.19 -1.82 -4.35
BR 5BU D 9 1.89 -0.18 -6.64
#